data_4QP0
#
_entry.id   4QP0
#
_cell.length_a   86.380
_cell.length_b   89.719
_cell.length_c   111.293
_cell.angle_alpha   90.00
_cell.angle_beta   90.00
_cell.angle_gamma   90.00
#
_symmetry.space_group_name_H-M   'I 2 2 2'
#
loop_
_entity.id
_entity.type
_entity.pdbx_description
1 polymer Endo-beta-mannanase
2 non-polymer 'SULFATE ION'
3 water water
#
_entity_poly.entity_id   1
_entity_poly.type   'polypeptide(L)'
_entity_poly.pdbx_seq_one_letter_code
;ASSFVQTSGPQFTLDGKPFYFEGTNAYYLMTSDQSNVKQVFSDMKSLGLPVVRTWLFNLGSDSVWFQQWDSSSNKMVIND
NSDTGLGRIDYIIQQAASQDIKLIFTLNNNWEDYGGMDYYVKNFGGTYHDDFYTNTEMIDSFKEYISHVLNRENSLTGVK
YKDDPTIFGWEIANEPRCVGSGDFPASSNCSTTVTTAWIKEISEYIKSIDSNHLVAVGDEGFFNRKGESDYEYNGGSGMD
FDAILALSSIDFGTFHLYPEAWSKGTDSSWSVQWIKDHAAAQADADKPVIMEEYGLSTDALRVAQYPVWQGTVEDEDLAA
DAFWQIAVPCSTMDGFGICASDNDIATTVTNHADAMAKK
;
_entity_poly.pdbx_strand_id   A
#
loop_
_chem_comp.id
_chem_comp.type
_chem_comp.name
_chem_comp.formula
SO4 non-polymer 'SULFATE ION' 'O4 S -2'
#
# COMPACT_ATOMS: atom_id res chain seq x y z
N SER A 3 -19.05 -6.63 7.15
CA SER A 3 -18.47 -7.93 6.67
C SER A 3 -17.00 -7.73 6.29
N PHE A 4 -16.35 -8.80 5.82
CA PHE A 4 -14.99 -8.73 5.28
C PHE A 4 -15.06 -8.34 3.80
N VAL A 5 -14.19 -7.42 3.38
CA VAL A 5 -14.02 -7.09 1.97
C VAL A 5 -13.66 -8.33 1.16
N GLN A 6 -14.35 -8.52 0.04
CA GLN A 6 -14.12 -9.69 -0.81
C GLN A 6 -13.92 -9.29 -2.27
N THR A 7 -13.73 -10.29 -3.12
CA THR A 7 -13.61 -10.05 -4.55
C THR A 7 -14.55 -10.96 -5.30
N SER A 8 -15.21 -10.38 -6.30
CA SER A 8 -16.05 -11.12 -7.24
C SER A 8 -15.64 -10.69 -8.63
N GLY A 9 -14.81 -11.49 -9.28
CA GLY A 9 -14.24 -11.15 -10.57
C GLY A 9 -13.46 -9.85 -10.51
N PRO A 10 -13.76 -8.89 -11.42
CA PRO A 10 -13.06 -7.61 -11.47
C PRO A 10 -13.41 -6.62 -10.36
N GLN A 11 -14.42 -6.91 -9.56
CA GLN A 11 -14.88 -5.96 -8.54
C GLN A 11 -14.51 -6.37 -7.11
N PHE A 12 -14.34 -5.36 -6.26
CA PHE A 12 -14.34 -5.57 -4.82
C PHE A 12 -15.79 -5.70 -4.41
N THR A 13 -16.03 -6.45 -3.33
CA THR A 13 -17.40 -6.64 -2.87
C THR A 13 -17.48 -6.56 -1.35
N LEU A 14 -18.45 -5.79 -0.86
CA LEU A 14 -18.72 -5.68 0.56
C LEU A 14 -20.18 -6.03 0.82
N ASP A 15 -20.38 -7.13 1.55
CA ASP A 15 -21.68 -7.77 1.71
C ASP A 15 -22.10 -8.36 0.37
N GLY A 16 -23.28 -7.99 -0.12
CA GLY A 16 -23.78 -8.51 -1.38
C GLY A 16 -23.37 -7.67 -2.58
N LYS A 17 -22.99 -6.43 -2.30
CA LYS A 17 -22.85 -5.42 -3.36
C LYS A 17 -21.40 -5.19 -3.83
N PRO A 18 -21.24 -4.77 -5.10
CA PRO A 18 -19.93 -4.34 -5.59
C PRO A 18 -19.47 -3.06 -4.90
N PHE A 19 -18.16 -2.92 -4.72
CA PHE A 19 -17.59 -1.84 -3.91
C PHE A 19 -16.54 -1.06 -4.72
N TYR A 20 -16.98 0.06 -5.30
CA TYR A 20 -16.09 1.02 -5.97
C TYR A 20 -15.83 2.16 -4.99
N PHE A 21 -14.57 2.58 -4.87
CA PHE A 21 -14.24 3.66 -3.96
C PHE A 21 -13.06 4.51 -4.42
N GLU A 22 -13.03 5.75 -3.95
CA GLU A 22 -11.79 6.50 -3.88
C GLU A 22 -11.33 6.42 -2.43
N GLY A 23 -10.09 5.98 -2.22
CA GLY A 23 -9.52 5.94 -0.89
C GLY A 23 -8.43 6.97 -0.78
N THR A 24 -7.65 6.92 0.30
CA THR A 24 -6.51 7.82 0.45
C THR A 24 -5.33 7.15 1.15
N ASN A 25 -4.21 7.85 1.19
CA ASN A 25 -3.04 7.41 1.96
C ASN A 25 -2.79 8.31 3.15
N ALA A 26 -2.28 7.71 4.22
CA ALA A 26 -1.80 8.40 5.41
C ALA A 26 -0.82 7.48 6.13
N TYR A 27 0.32 7.27 5.49
CA TYR A 27 1.39 6.43 6.02
C TYR A 27 1.75 6.79 7.47
N TYR A 28 1.53 8.06 7.81
CA TYR A 28 2.00 8.67 9.05
C TYR A 28 1.04 8.44 10.23
N LEU A 29 0.04 7.59 10.06
CA LEU A 29 -0.90 7.32 11.14
C LEU A 29 -0.20 6.71 12.35
N MET A 30 0.75 5.83 12.09
CA MET A 30 1.55 5.17 13.12
C MET A 30 2.36 6.11 14.04
N THR A 31 2.52 7.37 13.66
CA THR A 31 3.30 8.32 14.46
C THR A 31 2.47 9.49 14.97
N SER A 32 1.21 9.53 14.55
CA SER A 32 0.34 10.65 14.87
C SER A 32 -0.20 10.56 16.30
N ASP A 33 -0.38 11.71 16.93
CA ASP A 33 -1.07 11.75 18.22
C ASP A 33 -2.54 11.43 18.01
N GLN A 34 -3.23 11.10 19.09
CA GLN A 34 -4.57 10.53 19.02
C GLN A 34 -5.60 11.49 18.43
N SER A 35 -5.49 12.77 18.77
CA SER A 35 -6.38 13.80 18.21
C SER A 35 -6.29 13.82 16.67
N ASN A 36 -5.07 13.63 16.16
CA ASN A 36 -4.82 13.65 14.73
C ASN A 36 -5.21 12.36 14.01
N VAL A 37 -5.14 11.22 14.72
CA VAL A 37 -5.61 9.95 14.20
C VAL A 37 -7.12 10.04 14.00
N LYS A 38 -7.79 10.60 14.99
CA LYS A 38 -9.25 10.86 14.92
C LYS A 38 -9.61 11.83 13.81
N GLN A 39 -8.78 12.87 13.65
CA GLN A 39 -8.98 13.90 12.63
C GLN A 39 -8.95 13.31 11.21
N VAL A 40 -7.95 12.46 10.93
CA VAL A 40 -7.84 11.77 9.65
C VAL A 40 -9.18 11.13 9.29
N PHE A 41 -9.73 10.34 10.21
CA PHE A 41 -10.96 9.58 9.94
C PHE A 41 -12.21 10.43 9.77
N SER A 42 -12.33 11.53 10.52
CA SER A 42 -13.52 12.40 10.35
C SER A 42 -13.43 13.25 9.09
N ASP A 43 -12.22 13.65 8.70
CA ASP A 43 -12.00 14.34 7.43
C ASP A 43 -12.33 13.41 6.27
N MET A 44 -11.80 12.19 6.33
CA MET A 44 -12.09 11.15 5.35
C MET A 44 -13.58 10.93 5.21
N LYS A 45 -14.27 10.77 6.33
CA LYS A 45 -15.71 10.56 6.35
C LYS A 45 -16.47 11.64 5.58
N SER A 46 -16.26 12.90 5.94
CA SER A 46 -17.02 14.00 5.33
C SER A 46 -16.62 14.25 3.88
N LEU A 47 -15.42 13.78 3.52
CA LEU A 47 -14.93 13.81 2.13
C LEU A 47 -15.42 12.63 1.31
N GLY A 48 -16.08 11.67 1.97
CA GLY A 48 -16.68 10.52 1.31
C GLY A 48 -15.69 9.42 0.96
N LEU A 49 -14.64 9.29 1.76
CA LEU A 49 -13.63 8.26 1.53
C LEU A 49 -13.85 7.14 2.53
N PRO A 50 -14.09 5.91 2.05
CA PRO A 50 -14.34 4.79 2.96
C PRO A 50 -13.13 3.91 3.28
N VAL A 51 -12.01 4.15 2.61
CA VAL A 51 -10.80 3.32 2.80
C VAL A 51 -9.55 4.17 2.91
N VAL A 52 -8.63 3.77 3.81
CA VAL A 52 -7.32 4.40 3.86
C VAL A 52 -6.17 3.35 3.88
N ARG A 53 -5.14 3.63 3.08
CA ARG A 53 -3.94 2.82 3.02
C ARG A 53 -2.89 3.47 3.90
N THR A 54 -2.17 2.66 4.68
CA THR A 54 -1.21 3.20 5.65
C THR A 54 -0.17 2.15 6.06
N TRP A 55 0.91 2.64 6.67
CA TRP A 55 2.08 1.85 7.09
C TRP A 55 1.82 1.02 8.31
N LEU A 56 2.17 -0.27 8.25
CA LEU A 56 2.19 -1.15 9.42
C LEU A 56 3.56 -1.83 9.56
N PHE A 57 4.59 -1.02 9.35
CA PHE A 57 5.98 -1.41 9.53
C PHE A 57 6.67 -0.18 10.10
N ASN A 58 7.72 -0.39 10.89
CA ASN A 58 8.48 0.73 11.45
C ASN A 58 9.70 0.18 12.17
N LEU A 59 10.80 0.06 11.44
CA LEU A 59 12.01 -0.58 11.94
C LEU A 59 13.07 0.48 12.29
N GLY A 60 13.50 0.47 13.55
CA GLY A 60 14.45 1.47 14.04
C GLY A 60 14.45 1.67 15.55
N SER A 61 14.83 2.87 15.99
CA SER A 61 14.91 3.20 17.41
C SER A 61 14.49 4.64 17.69
N ASP A 62 13.51 5.14 16.93
CA ASP A 62 12.92 6.44 17.22
C ASP A 62 11.81 6.26 18.25
N SER A 63 11.11 7.36 18.56
CA SER A 63 10.04 7.38 19.55
C SER A 63 9.01 6.28 19.34
N VAL A 64 8.66 6.03 18.07
CA VAL A 64 7.77 4.93 17.70
C VAL A 64 8.57 3.91 16.91
N TRP A 65 8.52 2.66 17.34
CA TRP A 65 9.12 1.57 16.56
C TRP A 65 8.31 0.32 16.71
N PHE A 66 8.23 -0.47 15.64
CA PHE A 66 7.56 -1.77 15.70
C PHE A 66 8.56 -2.93 15.68
N GLN A 67 9.67 -2.75 14.96
CA GLN A 67 10.77 -3.72 14.93
C GLN A 67 12.10 -3.02 15.14
N GLN A 68 13.09 -3.79 15.55
CA GLN A 68 14.40 -3.28 15.93
C GLN A 68 15.36 -4.43 16.18
N TRP A 69 16.62 -4.22 15.83
CA TRP A 69 17.65 -5.22 16.04
C TRP A 69 18.20 -5.12 17.43
N ASP A 70 18.33 -6.27 18.09
CA ASP A 70 18.95 -6.33 19.41
C ASP A 70 20.37 -6.88 19.28
N SER A 71 21.34 -5.97 19.42
CA SER A 71 22.76 -6.31 19.29
C SER A 71 23.26 -7.24 20.40
N SER A 72 22.59 -7.17 21.56
CA SER A 72 22.90 -8.04 22.70
C SER A 72 22.35 -9.45 22.50
N SER A 73 21.12 -9.53 22.00
CA SER A 73 20.37 -10.79 21.86
C SER A 73 20.53 -11.50 20.51
N ASN A 74 21.06 -10.78 19.51
CA ASN A 74 21.20 -11.27 18.12
C ASN A 74 19.86 -11.51 17.43
N LYS A 75 18.82 -10.83 17.91
CA LYS A 75 17.45 -11.10 17.47
C LYS A 75 16.74 -9.86 16.95
N MET A 76 15.83 -10.08 16.00
CA MET A 76 14.90 -9.04 15.60
C MET A 76 13.73 -9.07 16.59
N VAL A 77 13.66 -8.03 17.41
CA VAL A 77 12.62 -7.95 18.46
C VAL A 77 11.45 -7.05 18.06
N ILE A 78 10.27 -7.38 18.58
CA ILE A 78 9.02 -6.70 18.21
C ILE A 78 8.46 -5.92 19.41
N ASN A 79 7.91 -4.74 19.14
CA ASN A 79 7.42 -3.83 20.18
C ASN A 79 5.92 -3.83 20.38
N ASP A 80 5.47 -4.48 21.46
CA ASP A 80 4.05 -4.53 21.80
C ASP A 80 3.58 -3.38 22.68
N ASN A 81 4.46 -2.42 22.96
CA ASN A 81 4.12 -1.30 23.85
C ASN A 81 2.89 -0.52 23.40
N SER A 82 2.10 -0.08 24.37
CA SER A 82 0.88 0.67 24.14
C SER A 82 1.14 2.01 23.45
N ASP A 83 2.23 2.67 23.83
CA ASP A 83 2.48 4.07 23.42
C ASP A 83 3.58 4.22 22.39
N THR A 84 4.53 3.29 22.38
CA THR A 84 5.66 3.38 21.46
C THR A 84 5.54 2.36 20.33
N GLY A 85 4.68 1.36 20.51
CA GLY A 85 4.55 0.28 19.54
C GLY A 85 3.17 0.00 18.96
N LEU A 86 2.89 -1.29 18.79
CA LEU A 86 1.72 -1.80 18.09
C LEU A 86 0.38 -1.40 18.68
N GLY A 87 0.39 -0.98 19.94
CA GLY A 87 -0.80 -0.44 20.59
C GLY A 87 -1.30 0.79 19.87
N ARG A 88 -0.38 1.51 19.22
CA ARG A 88 -0.72 2.61 18.32
C ARG A 88 -1.56 2.13 17.13
N ILE A 89 -1.26 0.93 16.65
CA ILE A 89 -2.05 0.34 15.56
C ILE A 89 -3.45 -0.02 16.08
N ASP A 90 -3.49 -0.64 17.27
CA ASP A 90 -4.75 -0.98 17.94
C ASP A 90 -5.68 0.23 17.97
N TYR A 91 -5.14 1.38 18.31
CA TYR A 91 -5.93 2.60 18.40
C TYR A 91 -6.39 3.06 17.03
N ILE A 92 -5.54 2.90 16.02
CA ILE A 92 -5.89 3.26 14.64
C ILE A 92 -7.07 2.42 14.15
N ILE A 93 -6.97 1.11 14.33
CA ILE A 93 -8.04 0.18 13.94
C ILE A 93 -9.36 0.51 14.62
N GLN A 94 -9.26 0.98 15.86
CA GLN A 94 -10.43 1.28 16.69
C GLN A 94 -11.19 2.49 16.14
N GLN A 95 -10.45 3.58 15.89
CA GLN A 95 -11.02 4.80 15.34
C GLN A 95 -11.47 4.61 13.90
N ALA A 96 -10.78 3.74 13.17
CA ALA A 96 -11.24 3.38 11.81
C ALA A 96 -12.63 2.76 11.88
N ALA A 97 -12.74 1.67 12.67
CA ALA A 97 -13.99 0.94 12.90
C ALA A 97 -15.11 1.82 13.44
N SER A 98 -14.76 2.77 14.30
CA SER A 98 -15.73 3.73 14.80
C SER A 98 -16.35 4.58 13.68
N GLN A 99 -15.60 4.80 12.61
CA GLN A 99 -16.03 5.65 11.48
C GLN A 99 -16.50 4.87 10.26
N ASP A 100 -16.53 3.54 10.39
CA ASP A 100 -16.92 2.65 9.31
C ASP A 100 -15.91 2.80 8.17
N ILE A 101 -14.66 3.04 8.55
CA ILE A 101 -13.59 3.18 7.58
C ILE A 101 -12.71 1.93 7.62
N LYS A 102 -12.19 1.55 6.46
CA LYS A 102 -11.45 0.32 6.29
C LYS A 102 -9.96 0.61 6.07
N LEU A 103 -9.10 -0.35 6.38
CA LEU A 103 -7.66 -0.11 6.40
C LEU A 103 -6.88 -1.07 5.49
N ILE A 104 -6.00 -0.53 4.66
CA ILE A 104 -5.05 -1.35 3.91
C ILE A 104 -3.67 -1.22 4.58
N PHE A 105 -3.24 -2.27 5.26
CA PHE A 105 -1.98 -2.24 5.99
C PHE A 105 -0.84 -2.77 5.15
N THR A 106 0.20 -1.96 4.99
CA THR A 106 1.40 -2.37 4.25
C THR A 106 2.44 -2.84 5.25
N LEU A 107 3.00 -4.03 5.04
CA LEU A 107 3.77 -4.71 6.09
C LEU A 107 5.27 -4.50 6.06
N ASN A 108 5.76 -3.84 5.02
CA ASN A 108 7.19 -3.60 4.82
C ASN A 108 7.32 -2.50 3.76
N ASN A 109 8.56 -2.07 3.51
CA ASN A 109 8.83 -1.00 2.55
C ASN A 109 10.10 -1.31 1.75
N ASN A 110 10.08 -1.01 0.45
CA ASN A 110 11.26 -1.15 -0.40
C ASN A 110 12.36 -0.13 -0.01
N TRP A 111 11.93 1.12 0.21
CA TRP A 111 12.81 2.25 0.51
C TRP A 111 13.20 2.33 1.98
N GLU A 112 14.09 3.26 2.29
CA GLU A 112 14.64 3.42 3.65
C GLU A 112 13.76 4.23 4.62
N ASP A 113 12.59 4.67 4.17
CA ASP A 113 11.66 5.36 5.07
C ASP A 113 11.14 4.37 6.10
N TYR A 114 11.40 4.69 7.37
CA TYR A 114 11.04 3.84 8.51
C TYR A 114 11.66 2.44 8.41
N GLY A 115 12.90 2.40 7.90
CA GLY A 115 13.69 1.19 7.91
C GLY A 115 13.50 0.30 6.69
N GLY A 116 12.27 -0.17 6.49
CA GLY A 116 11.93 -1.05 5.37
C GLY A 116 12.81 -2.28 5.27
N MET A 117 13.00 -2.78 4.05
CA MET A 117 13.76 -4.01 3.81
C MET A 117 15.22 -3.90 4.18
N ASP A 118 15.80 -2.73 3.93
CA ASP A 118 17.24 -2.51 4.12
C ASP A 118 17.68 -2.70 5.58
N TYR A 119 16.76 -2.45 6.52
CA TYR A 119 17.02 -2.67 7.94
C TYR A 119 17.30 -4.15 8.23
N TYR A 120 16.49 -5.02 7.63
CA TYR A 120 16.67 -6.45 7.71
C TYR A 120 18.04 -6.85 7.14
N VAL A 121 18.36 -6.33 5.97
CA VAL A 121 19.57 -6.70 5.24
C VAL A 121 20.84 -6.29 5.98
N LYS A 122 20.86 -5.06 6.50
CA LYS A 122 21.99 -4.54 7.26
C LYS A 122 22.27 -5.41 8.49
N ASN A 123 21.23 -5.59 9.31
CA ASN A 123 21.37 -6.26 10.61
C ASN A 123 21.54 -7.79 10.55
N PHE A 124 21.11 -8.41 9.46
CA PHE A 124 21.34 -9.86 9.28
C PHE A 124 22.69 -10.21 8.62
N GLY A 125 23.36 -9.20 8.06
CA GLY A 125 24.68 -9.38 7.46
C GLY A 125 24.70 -9.39 5.95
N GLY A 126 23.54 -9.12 5.34
CA GLY A 126 23.45 -9.07 3.87
C GLY A 126 24.08 -7.81 3.31
N THR A 127 24.44 -7.85 2.03
CA THR A 127 25.06 -6.70 1.37
C THR A 127 24.24 -6.18 0.19
N TYR A 128 23.32 -7.02 -0.30
CA TYR A 128 22.50 -6.67 -1.45
C TYR A 128 21.03 -6.54 -1.04
N HIS A 129 20.38 -5.49 -1.55
CA HIS A 129 18.97 -5.22 -1.31
C HIS A 129 18.10 -6.44 -1.51
N ASP A 130 18.28 -7.08 -2.65
CA ASP A 130 17.49 -8.24 -3.03
C ASP A 130 17.87 -9.51 -2.25
N ASP A 131 18.80 -9.40 -1.29
CA ASP A 131 19.06 -10.49 -0.34
C ASP A 131 17.77 -10.83 0.40
N PHE A 132 16.97 -9.80 0.65
CA PHE A 132 15.67 -9.93 1.31
C PHE A 132 14.71 -10.86 0.58
N TYR A 133 14.90 -11.00 -0.74
CA TYR A 133 14.04 -11.82 -1.58
C TYR A 133 14.45 -13.30 -1.63
N THR A 134 15.67 -13.60 -1.20
CA THR A 134 16.18 -14.99 -1.25
C THR A 134 16.60 -15.59 0.10
N ASN A 135 17.26 -14.78 0.91
CA ASN A 135 17.85 -15.20 2.18
C ASN A 135 16.85 -15.83 3.14
N THR A 136 17.01 -17.12 3.43
CA THR A 136 16.06 -17.85 4.29
C THR A 136 15.95 -17.26 5.71
N GLU A 137 17.09 -16.87 6.27
CA GLU A 137 17.14 -16.23 7.59
C GLU A 137 16.35 -14.91 7.62
N MET A 138 16.56 -14.06 6.61
CA MET A 138 15.83 -12.78 6.48
C MET A 138 14.32 -12.98 6.27
N ILE A 139 13.96 -13.92 5.40
CA ILE A 139 12.56 -14.28 5.13
C ILE A 139 11.83 -14.79 6.39
N ASP A 140 12.55 -15.54 7.23
CA ASP A 140 11.96 -16.09 8.47
C ASP A 140 11.67 -15.02 9.51
N SER A 141 12.45 -13.94 9.46
CA SER A 141 12.23 -12.78 10.31
C SER A 141 11.04 -11.95 9.82
N PHE A 142 10.86 -11.87 8.51
CA PHE A 142 9.69 -11.22 7.94
C PHE A 142 8.45 -12.04 8.28
N LYS A 143 8.57 -13.37 8.14
CA LYS A 143 7.47 -14.27 8.48
C LYS A 143 7.02 -14.14 9.93
N GLU A 144 7.95 -14.31 10.86
CA GLU A 144 7.62 -14.21 12.29
C GLU A 144 6.97 -12.86 12.63
N TYR A 145 7.34 -11.80 11.92
CA TYR A 145 6.71 -10.49 12.09
C TYR A 145 5.27 -10.52 11.60
N ILE A 146 5.08 -11.07 10.40
CA ILE A 146 3.75 -11.22 9.79
C ILE A 146 2.84 -12.00 10.73
N SER A 147 3.33 -13.16 11.19
CA SER A 147 2.59 -13.98 12.16
C SER A 147 2.17 -13.18 13.38
N HIS A 148 3.10 -12.41 13.92
CA HIS A 148 2.85 -11.62 15.12
C HIS A 148 1.78 -10.59 14.89
N VAL A 149 1.86 -9.90 13.75
CA VAL A 149 0.91 -8.83 13.44
C VAL A 149 -0.49 -9.41 13.21
N LEU A 150 -0.58 -10.45 12.38
CA LEU A 150 -1.88 -11.08 12.08
C LEU A 150 -2.54 -11.72 13.31
N ASN A 151 -1.71 -12.25 14.21
CA ASN A 151 -2.18 -12.93 15.41
C ASN A 151 -2.50 -11.99 16.58
N ARG A 152 -1.93 -10.79 16.56
CA ARG A 152 -2.11 -9.84 17.65
C ARG A 152 -3.58 -9.64 18.02
N GLU A 153 -3.89 -9.73 19.30
CA GLU A 153 -5.19 -9.30 19.80
C GLU A 153 -5.18 -7.77 19.94
N ASN A 154 -6.27 -7.14 19.52
CA ASN A 154 -6.41 -5.70 19.70
C ASN A 154 -6.61 -5.43 21.18
N SER A 155 -5.67 -4.73 21.80
CA SER A 155 -5.72 -4.49 23.24
C SER A 155 -6.84 -3.55 23.67
N LEU A 156 -7.47 -2.88 22.70
CA LEU A 156 -8.61 -2.00 22.99
C LEU A 156 -9.97 -2.61 22.64
N THR A 157 -10.00 -3.62 21.78
CA THR A 157 -11.28 -4.20 21.31
C THR A 157 -11.35 -5.73 21.37
N GLY A 158 -10.24 -6.39 21.69
CA GLY A 158 -10.23 -7.83 21.90
C GLY A 158 -10.25 -8.69 20.64
N VAL A 159 -10.31 -8.03 19.48
CA VAL A 159 -10.38 -8.70 18.18
C VAL A 159 -8.96 -8.91 17.61
N LYS A 160 -8.65 -10.15 17.25
CA LYS A 160 -7.38 -10.45 16.58
C LYS A 160 -7.38 -9.74 15.23
N TYR A 161 -6.20 -9.29 14.79
CA TYR A 161 -6.06 -8.60 13.51
C TYR A 161 -6.62 -9.42 12.37
N LYS A 162 -6.19 -10.68 12.27
CA LYS A 162 -6.66 -11.59 11.24
C LYS A 162 -8.18 -11.80 11.23
N ASP A 163 -8.85 -11.51 12.35
CA ASP A 163 -10.30 -11.69 12.43
C ASP A 163 -11.03 -10.35 12.36
N ASP A 164 -10.30 -9.27 12.12
CA ASP A 164 -10.88 -7.92 12.15
C ASP A 164 -11.41 -7.41 10.80
N PRO A 165 -12.74 -7.37 10.63
CA PRO A 165 -13.45 -6.83 9.44
C PRO A 165 -13.11 -5.39 9.09
N THR A 166 -12.55 -4.65 10.05
CA THR A 166 -12.12 -3.27 9.83
C THR A 166 -10.92 -3.19 8.87
N ILE A 167 -10.09 -4.22 8.88
CA ILE A 167 -8.97 -4.33 7.97
C ILE A 167 -9.45 -4.77 6.59
N PHE A 168 -9.10 -3.97 5.58
CA PHE A 168 -9.43 -4.24 4.18
C PHE A 168 -8.62 -5.43 3.67
N GLY A 169 -7.30 -5.37 3.89
CA GLY A 169 -6.43 -6.44 3.43
C GLY A 169 -4.99 -6.11 3.71
N TRP A 170 -4.14 -7.12 3.57
CA TRP A 170 -2.68 -6.99 3.77
C TRP A 170 -1.91 -6.73 2.50
N GLU A 171 -0.90 -5.88 2.59
CA GLU A 171 0.04 -5.72 1.50
C GLU A 171 1.42 -6.14 1.97
N ILE A 172 2.08 -6.96 1.16
CA ILE A 172 3.40 -7.52 1.48
C ILE A 172 4.46 -6.45 1.76
N ALA A 173 4.69 -5.57 0.77
CA ALA A 173 5.67 -4.52 0.88
C ALA A 173 5.32 -3.34 -0.02
N ASN A 174 5.79 -2.16 0.37
CA ASN A 174 5.59 -0.97 -0.43
C ASN A 174 6.62 -0.86 -1.57
N GLU A 175 6.09 -0.80 -2.78
CA GLU A 175 6.86 -0.58 -4.02
C GLU A 175 8.12 -1.42 -4.22
N PRO A 176 8.04 -2.75 -4.07
CA PRO A 176 9.24 -3.58 -4.25
C PRO A 176 9.87 -3.41 -5.63
N ARG A 177 11.18 -3.16 -5.67
CA ARG A 177 11.98 -3.25 -6.89
C ARG A 177 13.17 -4.17 -6.59
N CYS A 178 14.02 -4.39 -7.58
CA CYS A 178 15.29 -5.08 -7.29
C CYS A 178 16.25 -4.12 -6.58
N VAL A 179 16.14 -2.83 -6.91
CA VAL A 179 16.99 -1.77 -6.35
C VAL A 179 16.24 -0.95 -5.29
N GLY A 180 16.92 -0.63 -4.20
CA GLY A 180 16.34 0.13 -3.09
C GLY A 180 16.70 1.61 -3.08
N SER A 181 16.88 2.18 -1.89
CA SER A 181 17.14 3.61 -1.76
C SER A 181 18.57 4.01 -2.11
N GLY A 182 19.53 3.11 -1.90
CA GLY A 182 20.91 3.37 -2.27
C GLY A 182 21.95 2.84 -1.30
N ASP A 183 21.55 2.64 -0.03
CA ASP A 183 22.45 2.12 1.00
C ASP A 183 22.88 0.68 0.70
N PHE A 184 22.03 -0.06 -0.02
CA PHE A 184 22.34 -1.43 -0.43
C PHE A 184 21.98 -1.64 -1.89
N PRO A 185 22.94 -2.15 -2.69
CA PRO A 185 22.77 -2.33 -4.13
C PRO A 185 22.07 -3.65 -4.51
N ALA A 186 21.78 -3.82 -5.80
CA ALA A 186 21.11 -5.02 -6.30
C ALA A 186 22.08 -6.01 -6.93
N SER A 187 21.84 -7.30 -6.71
CA SER A 187 22.64 -8.37 -7.31
C SER A 187 22.32 -8.55 -8.78
N SER A 188 23.23 -9.19 -9.49
CA SER A 188 22.94 -9.71 -10.82
C SER A 188 21.90 -10.84 -10.68
N ASN A 189 21.84 -11.45 -9.50
CA ASN A 189 20.91 -12.55 -9.23
C ASN A 189 19.42 -12.19 -9.23
N CYS A 190 19.09 -10.92 -8.99
CA CYS A 190 17.72 -10.45 -8.95
C CYS A 190 17.10 -10.40 -10.34
N SER A 191 15.82 -10.78 -10.43
CA SER A 191 15.09 -10.84 -11.68
C SER A 191 13.59 -10.69 -11.44
N THR A 192 12.80 -10.97 -12.47
CA THR A 192 11.35 -11.02 -12.32
C THR A 192 10.91 -12.39 -11.80
N THR A 193 11.71 -13.43 -12.09
CA THR A 193 11.49 -14.77 -11.52
C THR A 193 11.68 -14.77 -10.00
N VAL A 194 12.73 -14.09 -9.53
CA VAL A 194 13.05 -14.04 -8.10
C VAL A 194 12.08 -13.16 -7.31
N THR A 195 11.74 -12.01 -7.87
CA THR A 195 10.79 -11.09 -7.25
C THR A 195 9.43 -11.80 -7.09
N THR A 196 8.94 -12.39 -8.17
CA THR A 196 7.63 -13.05 -8.19
C THR A 196 7.55 -14.25 -7.25
N ALA A 197 8.61 -15.05 -7.19
CA ALA A 197 8.66 -16.21 -6.29
C ALA A 197 8.64 -15.79 -4.80
N TRP A 198 9.36 -14.73 -4.48
CA TRP A 198 9.32 -14.17 -3.14
C TRP A 198 7.94 -13.67 -2.80
N ILE A 199 7.28 -13.05 -3.77
CA ILE A 199 5.90 -12.58 -3.59
C ILE A 199 4.95 -13.75 -3.38
N LYS A 200 5.23 -14.85 -4.07
CA LYS A 200 4.38 -16.04 -4.03
C LYS A 200 4.30 -16.62 -2.62
N GLU A 201 5.47 -16.94 -2.05
CA GLU A 201 5.52 -17.63 -0.76
C GLU A 201 5.13 -16.76 0.44
N ILE A 202 5.46 -15.47 0.38
CA ILE A 202 5.04 -14.52 1.41
C ILE A 202 3.52 -14.38 1.42
N SER A 203 2.93 -14.22 0.24
CA SER A 203 1.46 -14.11 0.17
C SER A 203 0.79 -15.42 0.57
N GLU A 204 1.41 -16.55 0.19
CA GLU A 204 0.94 -17.86 0.66
C GLU A 204 1.08 -17.99 2.18
N TYR A 205 2.19 -17.51 2.73
CA TYR A 205 2.37 -17.52 4.17
C TYR A 205 1.29 -16.71 4.89
N ILE A 206 0.97 -15.53 4.37
CA ILE A 206 -0.14 -14.73 4.89
C ILE A 206 -1.45 -15.53 4.79
N LYS A 207 -1.70 -16.15 3.64
CA LYS A 207 -2.94 -16.91 3.45
C LYS A 207 -3.12 -18.11 4.41
N SER A 208 -2.01 -18.74 4.80
CA SER A 208 -2.06 -19.89 5.71
C SER A 208 -2.47 -19.50 7.15
N ILE A 209 -2.07 -18.33 7.60
CA ILE A 209 -2.56 -17.79 8.89
C ILE A 209 -3.94 -17.14 8.74
N ASP A 210 -4.10 -16.27 7.75
CA ASP A 210 -5.30 -15.44 7.64
C ASP A 210 -6.14 -15.83 6.42
N SER A 211 -7.27 -16.47 6.68
CA SER A 211 -8.17 -16.87 5.61
C SER A 211 -9.36 -15.91 5.44
N ASN A 212 -9.35 -14.81 6.17
CA ASN A 212 -10.47 -13.85 6.08
C ASN A 212 -10.16 -12.71 5.13
N HIS A 213 -8.90 -12.29 5.11
CA HIS A 213 -8.51 -11.05 4.45
C HIS A 213 -7.97 -11.23 3.07
N LEU A 214 -8.07 -10.15 2.29
CA LEU A 214 -7.46 -10.08 0.98
C LEU A 214 -5.96 -9.81 1.12
N VAL A 215 -5.21 -10.19 0.09
CA VAL A 215 -3.78 -9.95 0.07
C VAL A 215 -3.43 -9.35 -1.29
N ALA A 216 -2.57 -8.33 -1.26
CA ALA A 216 -1.97 -7.76 -2.46
C ALA A 216 -0.48 -7.53 -2.23
N VAL A 217 0.22 -7.00 -3.22
CA VAL A 217 1.65 -6.71 -3.04
C VAL A 217 1.85 -5.30 -2.51
N GLY A 218 1.25 -4.32 -3.17
CA GLY A 218 1.46 -2.90 -2.86
C GLY A 218 2.52 -2.28 -3.74
N ASP A 219 2.75 -2.89 -4.91
CA ASP A 219 3.77 -2.42 -5.86
C ASP A 219 3.28 -1.26 -6.71
N GLU A 220 4.19 -0.68 -7.49
CA GLU A 220 3.88 0.44 -8.37
C GLU A 220 3.11 0.01 -9.61
N GLY A 221 3.14 -1.29 -9.89
CA GLY A 221 2.39 -1.88 -11.00
C GLY A 221 3.21 -2.04 -12.27
N PHE A 222 4.52 -2.12 -12.10
CA PHE A 222 5.44 -2.24 -13.23
C PHE A 222 5.28 -3.59 -13.94
N PHE A 223 5.14 -3.53 -15.28
CA PHE A 223 4.97 -4.71 -16.13
C PHE A 223 6.30 -5.33 -16.53
N ASN A 224 6.23 -6.56 -17.02
CA ASN A 224 7.38 -7.21 -17.62
C ASN A 224 7.03 -7.69 -19.03
N ARG A 225 6.64 -6.74 -19.86
CA ARG A 225 6.27 -7.05 -21.24
C ARG A 225 7.45 -6.84 -22.20
N LYS A 226 7.93 -7.94 -22.77
CA LYS A 226 9.12 -7.98 -23.62
C LYS A 226 9.11 -6.90 -24.70
N GLY A 227 10.20 -6.14 -24.77
CA GLY A 227 10.41 -5.19 -25.85
C GLY A 227 9.43 -4.04 -25.90
N GLU A 228 8.96 -3.60 -24.74
CA GLU A 228 8.23 -2.33 -24.69
C GLU A 228 9.21 -1.23 -24.27
N SER A 229 8.80 0.03 -24.49
CA SER A 229 9.74 1.15 -24.46
C SER A 229 10.26 1.50 -23.07
N ASP A 230 9.34 1.78 -22.15
CA ASP A 230 9.68 2.40 -20.87
C ASP A 230 10.05 1.41 -19.77
N TYR A 231 10.66 1.93 -18.72
CA TYR A 231 11.10 1.15 -17.56
C TYR A 231 9.92 0.50 -16.83
N GLU A 232 8.79 1.20 -16.87
CA GLU A 232 7.55 0.81 -16.20
C GLU A 232 6.79 -0.32 -16.92
N TYR A 233 7.16 -0.61 -18.16
CA TYR A 233 6.49 -1.62 -18.97
C TYR A 233 7.34 -2.84 -19.36
N ASN A 234 8.67 -2.69 -19.31
CA ASN A 234 9.55 -3.71 -19.89
C ASN A 234 10.26 -4.64 -18.89
N GLY A 235 9.88 -4.57 -17.63
CA GLY A 235 10.45 -5.42 -16.61
C GLY A 235 11.84 -5.04 -16.15
N GLY A 236 12.24 -3.80 -16.45
CA GLY A 236 13.54 -3.30 -16.03
C GLY A 236 13.71 -3.21 -14.52
N SER A 237 12.60 -2.91 -13.84
CA SER A 237 12.57 -2.83 -12.37
C SER A 237 12.79 -4.17 -11.65
N GLY A 238 12.57 -5.26 -12.38
CA GLY A 238 12.61 -6.60 -11.81
C GLY A 238 11.26 -7.06 -11.31
N MET A 239 10.20 -6.35 -11.71
CA MET A 239 8.83 -6.65 -11.28
C MET A 239 7.97 -7.06 -12.47
N ASP A 240 6.92 -7.82 -12.21
CA ASP A 240 6.13 -8.42 -13.26
C ASP A 240 4.68 -8.42 -12.83
N PHE A 241 4.00 -7.30 -13.04
CA PHE A 241 2.60 -7.15 -12.65
C PHE A 241 1.75 -8.33 -13.12
N ASP A 242 1.95 -8.75 -14.36
CA ASP A 242 1.22 -9.90 -14.92
C ASP A 242 1.42 -11.18 -14.10
N ALA A 243 2.66 -11.50 -13.78
CA ALA A 243 2.94 -12.72 -13.04
C ALA A 243 2.42 -12.64 -11.60
N ILE A 244 2.35 -11.43 -11.06
CA ILE A 244 1.85 -11.21 -9.70
C ILE A 244 0.34 -11.44 -9.65
N LEU A 245 -0.39 -10.73 -10.51
CA LEU A 245 -1.84 -10.86 -10.60
C LEU A 245 -2.29 -12.30 -10.99
N ALA A 246 -1.39 -13.08 -11.56
CA ALA A 246 -1.71 -14.46 -11.94
C ALA A 246 -1.62 -15.44 -10.76
N LEU A 247 -0.99 -15.02 -9.67
CA LEU A 247 -0.89 -15.85 -8.46
C LEU A 247 -2.24 -15.94 -7.76
N SER A 248 -2.65 -17.17 -7.42
CA SER A 248 -3.92 -17.42 -6.75
C SER A 248 -3.88 -16.90 -5.32
N SER A 249 -2.68 -16.65 -4.82
CA SER A 249 -2.46 -16.14 -3.48
C SER A 249 -2.61 -14.61 -3.37
N ILE A 250 -2.78 -13.94 -4.51
CA ILE A 250 -2.96 -12.49 -4.58
C ILE A 250 -4.38 -12.18 -5.02
N ASP A 251 -5.14 -11.48 -4.17
CA ASP A 251 -6.57 -11.25 -4.43
C ASP A 251 -6.86 -10.05 -5.33
N PHE A 252 -6.06 -8.99 -5.18
CA PHE A 252 -6.16 -7.82 -6.06
C PHE A 252 -4.77 -7.28 -6.42
N GLY A 253 -4.72 -6.56 -7.54
CA GLY A 253 -3.48 -5.95 -8.02
C GLY A 253 -3.40 -4.49 -7.66
N THR A 254 -2.18 -4.01 -7.47
CA THR A 254 -1.95 -2.63 -7.11
C THR A 254 -0.99 -1.96 -8.08
N PHE A 255 -1.29 -0.70 -8.40
CA PHE A 255 -0.37 0.15 -9.12
C PHE A 255 -0.40 1.61 -8.66
N HIS A 256 0.72 2.29 -8.88
CA HIS A 256 0.92 3.67 -8.46
C HIS A 256 1.09 4.52 -9.66
N LEU A 257 0.87 5.82 -9.49
CA LEU A 257 1.06 6.79 -10.58
C LEU A 257 1.83 8.01 -10.12
N TYR A 258 3.07 8.14 -10.63
CA TYR A 258 3.93 9.29 -10.36
C TYR A 258 4.70 9.71 -11.62
N PRO A 259 4.03 10.50 -12.50
CA PRO A 259 4.64 10.87 -13.79
C PRO A 259 5.88 11.76 -13.65
N GLU A 260 5.92 12.61 -12.63
CA GLU A 260 7.06 13.52 -12.41
C GLU A 260 8.30 12.74 -11.98
N ALA A 261 8.13 11.82 -11.03
CA ALA A 261 9.22 10.98 -10.54
C ALA A 261 9.76 10.07 -11.65
N TRP A 262 8.90 9.71 -12.59
CA TRP A 262 9.25 8.77 -13.64
C TRP A 262 9.55 9.50 -14.91
N SER A 263 9.45 10.83 -14.84
CA SER A 263 9.64 11.75 -15.96
C SER A 263 8.79 11.39 -17.20
N LYS A 264 7.48 11.36 -17.03
CA LYS A 264 6.59 11.02 -18.13
C LYS A 264 5.79 12.22 -18.60
N GLY A 265 6.07 13.38 -18.04
CA GLY A 265 5.40 14.62 -18.42
C GLY A 265 4.04 14.71 -17.77
N THR A 266 3.79 15.82 -17.10
CA THR A 266 2.56 16.01 -16.33
C THR A 266 1.46 16.73 -17.14
N ASP A 267 1.38 16.42 -18.44
CA ASP A 267 0.37 16.99 -19.34
C ASP A 267 0.02 16.03 -20.50
N SER A 268 0.97 15.16 -20.84
CA SER A 268 0.86 14.23 -21.97
C SER A 268 -0.18 13.11 -21.78
N SER A 269 -0.12 12.10 -22.64
CA SER A 269 -1.07 10.98 -22.61
C SER A 269 -0.59 9.71 -21.87
N TRP A 270 0.66 9.72 -21.39
CA TRP A 270 1.26 8.52 -20.79
C TRP A 270 0.53 8.05 -19.57
N SER A 271 0.06 9.00 -18.75
CA SER A 271 -0.59 8.70 -17.49
C SER A 271 -1.98 8.11 -17.67
N VAL A 272 -2.76 8.71 -18.56
CA VAL A 272 -4.06 8.16 -18.90
C VAL A 272 -3.87 6.76 -19.49
N GLN A 273 -2.94 6.63 -20.42
CA GLN A 273 -2.63 5.31 -20.99
C GLN A 273 -2.21 4.29 -19.91
N TRP A 274 -1.53 4.77 -18.87
CA TRP A 274 -1.06 3.93 -17.77
C TRP A 274 -2.20 3.34 -16.97
N ILE A 275 -3.23 4.16 -16.69
CA ILE A 275 -4.43 3.72 -15.98
C ILE A 275 -5.19 2.70 -16.84
N LYS A 276 -5.55 3.12 -18.06
CA LYS A 276 -6.23 2.25 -19.03
C LYS A 276 -5.56 0.87 -19.10
N ASP A 277 -4.23 0.88 -19.20
CA ASP A 277 -3.44 -0.37 -19.26
C ASP A 277 -3.64 -1.28 -18.04
N HIS A 278 -3.74 -0.68 -16.86
CA HIS A 278 -4.04 -1.47 -15.66
C HIS A 278 -5.50 -1.85 -15.52
N ALA A 279 -6.41 -0.99 -15.98
CA ALA A 279 -7.83 -1.33 -16.05
C ALA A 279 -8.09 -2.48 -17.01
N ALA A 280 -7.27 -2.57 -18.05
CA ALA A 280 -7.34 -3.68 -19.00
C ALA A 280 -6.84 -4.98 -18.37
N ALA A 281 -5.80 -4.87 -17.54
CA ALA A 281 -5.24 -6.06 -16.88
C ALA A 281 -6.24 -6.60 -15.85
N GLN A 282 -7.03 -5.69 -15.27
CA GLN A 282 -8.16 -6.04 -14.40
C GLN A 282 -9.24 -6.78 -15.17
N ALA A 283 -9.52 -6.31 -16.38
CA ALA A 283 -10.52 -6.95 -17.23
C ALA A 283 -10.05 -8.27 -17.84
N ASP A 284 -8.77 -8.36 -18.17
CA ASP A 284 -8.23 -9.52 -18.91
C ASP A 284 -7.87 -10.69 -17.98
N ALA A 285 -7.44 -10.36 -16.77
CA ALA A 285 -7.47 -11.33 -15.69
C ALA A 285 -8.79 -10.99 -15.00
N ASP A 286 -9.25 -11.81 -14.07
CA ASP A 286 -10.54 -11.50 -13.49
C ASP A 286 -10.40 -11.10 -12.03
N LYS A 287 -9.53 -10.11 -11.78
CA LYS A 287 -9.19 -9.64 -10.43
C LYS A 287 -9.24 -8.12 -10.37
N PRO A 288 -9.73 -7.56 -9.25
CA PRO A 288 -9.75 -6.11 -9.10
C PRO A 288 -8.33 -5.57 -9.07
N VAL A 289 -8.18 -4.37 -9.61
CA VAL A 289 -6.93 -3.63 -9.54
C VAL A 289 -7.24 -2.28 -8.92
N ILE A 290 -6.27 -1.75 -8.18
CA ILE A 290 -6.43 -0.48 -7.49
C ILE A 290 -5.22 0.40 -7.75
N MET A 291 -5.47 1.62 -8.23
CA MET A 291 -4.44 2.65 -8.32
C MET A 291 -4.34 3.22 -6.93
N GLU A 292 -3.52 2.58 -6.10
CA GLU A 292 -3.57 2.84 -4.67
C GLU A 292 -2.71 4.02 -4.26
N GLU A 293 -1.84 4.46 -5.16
CA GLU A 293 -1.10 5.70 -4.99
C GLU A 293 -1.14 6.48 -6.29
N TYR A 294 -1.52 7.74 -6.20
CA TYR A 294 -1.25 8.69 -7.28
C TYR A 294 -1.06 10.08 -6.72
N GLY A 295 -0.25 10.87 -7.42
CA GLY A 295 0.05 12.20 -6.94
C GLY A 295 0.68 13.12 -7.95
N LEU A 296 0.44 14.42 -7.76
CA LEU A 296 1.13 15.46 -8.50
C LEU A 296 1.61 16.52 -7.50
N SER A 297 2.79 17.08 -7.78
CA SER A 297 3.53 17.95 -6.85
C SER A 297 2.87 19.30 -6.54
N THR A 298 1.96 19.76 -7.39
CA THR A 298 1.38 21.07 -7.15
C THR A 298 -0.14 21.05 -7.23
N ASP A 299 -0.74 21.98 -6.49
CA ASP A 299 -2.18 22.18 -6.52
C ASP A 299 -2.64 22.31 -7.97
N ALA A 300 -1.99 23.22 -8.70
CA ALA A 300 -2.31 23.50 -10.09
C ALA A 300 -2.19 22.27 -11.02
N LEU A 301 -1.18 21.42 -10.81
CA LEU A 301 -1.08 20.16 -11.57
C LEU A 301 -2.23 19.23 -11.24
N ARG A 302 -2.58 19.17 -9.96
CA ARG A 302 -3.66 18.32 -9.50
C ARG A 302 -5.03 18.77 -10.02
N VAL A 303 -5.34 20.06 -9.95
CA VAL A 303 -6.63 20.56 -10.52
C VAL A 303 -6.72 20.33 -12.04
N ALA A 304 -5.55 20.22 -12.67
CA ALA A 304 -5.44 19.97 -14.11
C ALA A 304 -5.67 18.51 -14.49
N GLN A 305 -5.00 17.60 -13.77
CA GLN A 305 -4.92 16.20 -14.23
C GLN A 305 -5.74 15.18 -13.42
N TYR A 306 -5.95 15.43 -12.14
CA TYR A 306 -6.80 14.56 -11.32
C TYR A 306 -8.19 14.31 -11.94
N PRO A 307 -8.92 15.38 -12.36
CA PRO A 307 -10.22 15.10 -13.01
C PRO A 307 -10.10 14.21 -14.25
N VAL A 308 -9.01 14.39 -14.99
CA VAL A 308 -8.74 13.58 -16.17
C VAL A 308 -8.52 12.13 -15.76
N TRP A 309 -7.61 11.92 -14.80
CA TRP A 309 -7.25 10.58 -14.34
C TRP A 309 -8.41 9.88 -13.71
N GLN A 310 -9.19 10.62 -12.95
CA GLN A 310 -10.32 10.07 -12.22
C GLN A 310 -11.45 9.67 -13.18
N GLY A 311 -11.73 10.54 -14.16
CA GLY A 311 -12.64 10.22 -15.27
C GLY A 311 -12.24 8.98 -16.06
N THR A 312 -10.93 8.77 -16.21
CA THR A 312 -10.42 7.52 -16.81
C THR A 312 -10.76 6.31 -15.95
N VAL A 313 -10.53 6.42 -14.65
CA VAL A 313 -10.82 5.33 -13.68
C VAL A 313 -12.30 4.96 -13.69
N GLU A 314 -13.16 5.97 -13.79
CA GLU A 314 -14.61 5.78 -13.95
C GLU A 314 -14.95 5.00 -15.21
N ASP A 315 -14.57 5.53 -16.37
CA ASP A 315 -14.89 4.93 -17.67
C ASP A 315 -14.28 3.55 -17.90
N GLU A 316 -13.06 3.34 -17.40
CA GLU A 316 -12.38 2.07 -17.58
C GLU A 316 -12.90 1.03 -16.59
N ASP A 317 -13.73 1.49 -15.64
CA ASP A 317 -14.35 0.62 -14.63
C ASP A 317 -13.32 -0.01 -13.68
N LEU A 318 -12.26 0.76 -13.38
CA LEU A 318 -11.24 0.34 -12.46
C LEU A 318 -11.88 0.22 -11.08
N ALA A 319 -11.52 -0.82 -10.35
CA ALA A 319 -12.17 -1.16 -9.07
C ALA A 319 -12.11 -0.01 -8.06
N ALA A 320 -10.94 0.60 -7.92
CA ALA A 320 -10.77 1.70 -6.97
C ALA A 320 -9.45 2.43 -7.17
N ASP A 321 -9.32 3.57 -6.50
CA ASP A 321 -8.09 4.35 -6.52
C ASP A 321 -7.92 5.08 -5.21
N ALA A 322 -6.68 5.33 -4.82
CA ALA A 322 -6.36 6.04 -3.58
C ALA A 322 -5.27 7.06 -3.83
N PHE A 323 -5.57 8.32 -3.55
CA PHE A 323 -4.63 9.40 -3.80
C PHE A 323 -3.64 9.55 -2.68
N TRP A 324 -2.48 10.09 -3.05
CA TRP A 324 -1.45 10.40 -2.10
C TRP A 324 -1.30 11.89 -2.08
N GLN A 325 -1.57 12.55 -0.95
CA GLN A 325 -2.01 11.92 0.29
C GLN A 325 -2.80 12.92 1.11
N ILE A 326 -3.66 12.44 2.00
CA ILE A 326 -4.38 13.36 2.89
C ILE A 326 -3.46 13.96 3.96
N ALA A 327 -3.71 15.22 4.30
CA ALA A 327 -2.84 15.96 5.20
C ALA A 327 -3.54 16.40 6.48
N VAL A 328 -3.20 15.76 7.59
CA VAL A 328 -3.60 16.20 8.92
C VAL A 328 -2.35 16.14 9.81
N PRO A 329 -1.96 17.28 10.42
CA PRO A 329 -2.57 18.61 10.31
C PRO A 329 -2.41 19.17 8.91
N CYS A 330 -3.27 20.12 8.53
CA CYS A 330 -3.24 20.65 7.16
C CYS A 330 -1.89 21.28 6.80
N SER A 331 -1.26 20.70 5.78
CA SER A 331 0.07 21.06 5.35
C SER A 331 0.27 20.62 3.90
N THR A 332 1.19 21.27 3.20
CA THR A 332 1.63 20.82 1.88
C THR A 332 2.46 19.54 2.01
N MET A 333 2.99 19.31 3.22
CA MET A 333 3.79 18.13 3.58
C MET A 333 4.96 17.89 2.63
N ASP A 334 4.87 16.82 1.83
CA ASP A 334 5.92 16.49 0.89
C ASP A 334 5.68 17.08 -0.51
N GLY A 335 4.63 17.88 -0.65
CA GLY A 335 4.24 18.43 -1.95
C GLY A 335 2.93 17.85 -2.42
N PHE A 336 2.64 16.62 -2.00
CA PHE A 336 1.43 15.91 -2.41
C PHE A 336 0.30 16.00 -1.39
N GLY A 337 0.56 16.63 -0.25
CA GLY A 337 -0.42 16.72 0.83
C GLY A 337 -1.64 17.55 0.45
N ILE A 338 -2.83 16.95 0.60
CA ILE A 338 -4.11 17.60 0.36
C ILE A 338 -4.90 17.66 1.67
N CYS A 339 -5.38 18.84 2.03
CA CYS A 339 -6.18 19.01 3.24
C CYS A 339 -7.65 18.90 2.89
N ALA A 340 -8.49 18.56 3.86
CA ALA A 340 -9.93 18.58 3.67
C ALA A 340 -10.44 20.02 3.66
N SER A 341 -9.66 20.90 4.29
CA SER A 341 -9.97 22.32 4.37
C SER A 341 -9.69 23.05 3.05
N ASP A 342 -9.01 22.37 2.13
CA ASP A 342 -8.75 22.91 0.79
C ASP A 342 -10.05 23.39 0.15
N ASN A 343 -9.99 24.52 -0.53
CA ASN A 343 -11.15 25.09 -1.21
C ASN A 343 -11.57 24.29 -2.44
N ASP A 344 -10.58 23.83 -3.20
CA ASP A 344 -10.81 23.06 -4.43
C ASP A 344 -10.82 21.55 -4.17
N ILE A 345 -11.27 21.15 -2.98
CA ILE A 345 -11.37 19.76 -2.57
C ILE A 345 -12.37 18.94 -3.40
N ALA A 346 -13.44 19.59 -3.85
CA ALA A 346 -14.46 18.95 -4.66
C ALA A 346 -13.88 18.40 -5.96
N THR A 347 -13.05 19.19 -6.63
CA THR A 347 -12.54 18.80 -7.94
C THR A 347 -11.24 17.98 -7.88
N THR A 348 -10.55 18.01 -6.75
CA THR A 348 -9.37 17.17 -6.55
C THR A 348 -9.73 15.80 -5.96
N VAL A 349 -10.78 15.76 -5.14
CA VAL A 349 -11.06 14.58 -4.31
C VAL A 349 -12.54 14.22 -4.26
N THR A 350 -13.39 15.22 -4.02
CA THR A 350 -14.78 15.01 -3.63
C THR A 350 -15.69 14.51 -4.75
N ASN A 351 -15.68 15.19 -5.89
CA ASN A 351 -16.49 14.79 -7.04
C ASN A 351 -16.33 13.31 -7.36
N HIS A 352 -15.08 12.84 -7.32
CA HIS A 352 -14.77 11.47 -7.67
C HIS A 352 -15.16 10.49 -6.61
N ALA A 353 -15.00 10.87 -5.34
CA ALA A 353 -15.34 9.99 -4.22
C ALA A 353 -16.82 9.61 -4.28
N ASP A 354 -17.68 10.60 -4.49
CA ASP A 354 -19.13 10.40 -4.65
C ASP A 354 -19.48 9.52 -5.85
N ALA A 355 -18.77 9.72 -6.97
CA ALA A 355 -19.02 8.97 -8.19
C ALA A 355 -18.67 7.48 -8.05
N MET A 356 -17.59 7.18 -7.32
CA MET A 356 -17.27 5.80 -7.00
C MET A 356 -18.25 5.21 -5.98
N ALA A 357 -18.63 6.02 -4.99
CA ALA A 357 -19.63 5.62 -3.99
C ALA A 357 -20.95 5.22 -4.65
N LYS A 358 -21.34 6.01 -5.65
CA LYS A 358 -22.60 5.82 -6.37
C LYS A 358 -22.60 4.57 -7.26
N LYS A 359 -21.47 4.23 -7.87
CA LYS A 359 -21.37 3.11 -8.82
C LYS A 359 -21.95 1.77 -8.33
S SO4 B . 18.76 1.52 14.91
O1 SO4 B . 19.57 0.45 14.29
O2 SO4 B . 19.57 2.25 15.92
O3 SO4 B . 18.31 2.47 13.87
O4 SO4 B . 17.58 0.89 15.57
#